data_3I4T
#
_entry.id   3I4T
#
_cell.length_a   84.894
_cell.length_b   84.894
_cell.length_c   89.402
_cell.angle_alpha   90.00
_cell.angle_beta   90.00
_cell.angle_gamma   90.00
#
_symmetry.space_group_name_H-M   'P 43 2 2'
#
loop_
_entity.id
_entity.type
_entity.pdbx_description
1 polymer 'diphthine synthase'
2 water water
#
_entity_poly.entity_id   1
_entity_poly.type   'polypeptide(L)'
_entity_poly.pdbx_seq_one_letter_code
;MAHHHHHHMGTLEAQTQGPGSMLYIIGLGLYDEKDITVRGLEAVKSCDLVFLEHYTAILQCDVAKLEEFYGKKVIIGDRD
LVETEADQILEPAKTKNVALLVVGDVYGATTHSDIFVRCQKMGIEVKVIHNASIMNAIGCSGLQLYRFGQTVSVCFWSEH
WRPSSYYPKIKINRDNNMHTLVLLDIKVKERSEESIIKGRDIFEPPRYMTINQCIEQLLEVEKEQHLGVYDEDTMVVGMA
RVACADQKIVYGKMKDLLHYDFGAPMHCLLIPAPQVDDPELDQLEYFKYKPE
;
_entity_poly.pdbx_strand_id   A
#
# COMPACT_ATOMS: atom_id res chain seq x y z
N GLY A 20 28.92 -13.83 9.05
CA GLY A 20 27.92 -14.69 9.76
C GLY A 20 26.51 -14.54 9.22
N SER A 21 25.54 -15.15 9.92
CA SER A 21 24.15 -15.18 9.46
C SER A 21 23.43 -13.83 9.59
N MET A 22 22.32 -13.71 8.87
CA MET A 22 21.66 -12.43 8.64
C MET A 22 20.31 -12.63 7.96
N LEU A 23 19.29 -11.93 8.43
CA LEU A 23 18.05 -11.83 7.67
C LEU A 23 17.97 -10.46 7.00
N TYR A 24 17.86 -10.49 5.68
CA TYR A 24 17.71 -9.29 4.88
C TYR A 24 16.24 -9.08 4.55
N ILE A 25 15.70 -7.94 4.97
CA ILE A 25 14.35 -7.58 4.55
C ILE A 25 14.47 -6.47 3.53
N ILE A 26 14.02 -6.78 2.31
CA ILE A 26 14.29 -5.97 1.14
C ILE A 26 13.01 -5.46 0.46
N GLY A 27 12.90 -4.13 0.34
CA GLY A 27 11.79 -3.48 -0.35
C GLY A 27 11.98 -3.58 -1.85
N LEU A 28 10.96 -4.07 -2.56
CA LEU A 28 11.06 -4.28 -4.00
C LEU A 28 10.64 -3.08 -4.85
N GLY A 29 10.05 -2.08 -4.24
CA GLY A 29 9.43 -1.00 -4.99
C GLY A 29 7.99 -1.36 -5.29
N LEU A 30 7.38 -0.68 -6.26
CA LEU A 30 5.92 -0.74 -6.42
C LEU A 30 5.39 -1.31 -7.74
N TYR A 31 6.28 -1.47 -8.73
CA TYR A 31 5.82 -1.80 -10.07
C TYR A 31 6.29 -3.17 -10.59
N ASP A 32 7.59 -3.30 -10.89
CA ASP A 32 8.09 -4.55 -11.44
C ASP A 32 9.48 -4.88 -10.89
N GLU A 33 10.08 -5.92 -11.43
CA GLU A 33 11.40 -6.42 -11.01
C GLU A 33 12.52 -5.39 -11.12
N LYS A 34 12.31 -4.35 -11.95
CA LYS A 34 13.32 -3.33 -12.15
C LYS A 34 13.32 -2.24 -11.05
N ASP A 35 12.40 -2.36 -10.10
CA ASP A 35 12.27 -1.36 -9.02
C ASP A 35 13.06 -1.68 -7.75
N ILE A 36 13.61 -2.87 -7.68
CA ILE A 36 14.59 -3.23 -6.66
C ILE A 36 15.81 -2.28 -6.75
N THR A 37 16.42 -1.97 -5.61
CA THR A 37 17.67 -1.22 -5.63
C THR A 37 18.85 -2.12 -5.97
N VAL A 38 19.94 -1.51 -6.43
CA VAL A 38 21.21 -2.20 -6.70
C VAL A 38 21.70 -2.96 -5.47
N ARG A 39 21.72 -2.28 -4.33
CA ARG A 39 21.99 -2.89 -3.04
C ARG A 39 21.10 -4.10 -2.79
N GLY A 40 19.79 -3.93 -2.96
CA GLY A 40 18.81 -5.01 -2.81
C GLY A 40 19.08 -6.21 -3.72
N LEU A 41 19.40 -5.93 -4.98
CA LEU A 41 19.78 -6.99 -5.93
C LEU A 41 21.05 -7.71 -5.49
N GLU A 42 22.00 -6.97 -4.90
CA GLU A 42 23.24 -7.56 -4.41
C GLU A 42 23.03 -8.48 -3.21
N ALA A 43 22.14 -8.09 -2.29
CA ALA A 43 21.86 -8.92 -1.13
C ALA A 43 21.14 -10.19 -1.56
N VAL A 44 20.15 -10.02 -2.45
CA VAL A 44 19.47 -11.18 -3.02
C VAL A 44 20.51 -12.19 -3.50
N LYS A 45 21.46 -11.70 -4.29
CA LYS A 45 22.46 -12.54 -4.93
C LYS A 45 23.46 -13.16 -3.94
N SER A 46 23.68 -12.51 -2.81
CA SER A 46 24.60 -13.00 -1.80
C SER A 46 23.93 -14.03 -0.87
N CYS A 47 22.59 -14.01 -0.83
CA CYS A 47 21.83 -14.85 0.09
C CYS A 47 21.73 -16.29 -0.36
N ASP A 48 21.63 -17.21 0.60
CA ASP A 48 21.48 -18.61 0.28
C ASP A 48 20.03 -18.96 -0.02
N LEU A 49 19.10 -18.24 0.60
CA LEU A 49 17.67 -18.48 0.40
C LEU A 49 16.95 -17.16 0.22
N VAL A 50 15.99 -17.13 -0.71
CA VAL A 50 15.27 -15.91 -1.03
C VAL A 50 13.77 -16.15 -0.97
N PHE A 51 13.10 -15.46 -0.07
CA PHE A 51 11.66 -15.62 0.08
C PHE A 51 10.93 -14.39 -0.42
N LEU A 52 9.77 -14.64 -1.03
CA LEU A 52 8.84 -13.58 -1.38
C LEU A 52 7.63 -13.68 -0.49
N GLU A 53 7.28 -12.56 0.13
CA GLU A 53 5.97 -12.36 0.71
C GLU A 53 4.93 -12.55 -0.41
N HIS A 54 3.92 -13.38 -0.18
CA HIS A 54 2.92 -13.69 -1.21
C HIS A 54 2.31 -12.43 -1.82
N TYR A 55 2.20 -11.38 -0.98
CA TYR A 55 1.69 -10.07 -1.39
C TYR A 55 2.41 -9.53 -2.63
N THR A 56 3.57 -10.12 -2.92
CA THR A 56 4.42 -9.73 -4.05
C THR A 56 3.88 -10.16 -5.42
N ALA A 57 2.91 -11.06 -5.42
CA ALA A 57 2.23 -11.49 -6.66
C ALA A 57 1.58 -10.30 -7.40
N ILE A 58 1.30 -9.22 -6.67
CA ILE A 58 0.72 -8.00 -7.26
C ILE A 58 1.69 -7.25 -8.20
N LEU A 59 2.99 -7.45 -8.02
CA LEU A 59 4.00 -6.87 -8.91
C LEU A 59 3.82 -7.32 -10.37
N GLN A 60 4.16 -6.43 -11.30
CA GLN A 60 3.93 -6.65 -12.71
C GLN A 60 5.13 -7.32 -13.38
N CYS A 61 5.43 -8.51 -12.87
CA CYS A 61 6.44 -9.42 -13.39
C CYS A 61 5.97 -10.83 -13.10
N ASP A 62 6.51 -11.81 -13.81
CA ASP A 62 6.22 -13.19 -13.46
C ASP A 62 7.45 -13.90 -12.89
N VAL A 63 7.17 -14.86 -12.01
CA VAL A 63 8.15 -15.47 -11.14
C VAL A 63 9.34 -16.06 -11.87
N ALA A 64 9.10 -16.81 -12.94
CA ALA A 64 10.18 -17.41 -13.72
C ALA A 64 11.16 -16.35 -14.29
N LYS A 65 10.63 -15.26 -14.84
CA LYS A 65 11.43 -14.15 -15.37
C LYS A 65 12.23 -13.45 -14.27
N LEU A 66 11.58 -13.29 -13.12
CA LEU A 66 12.18 -12.77 -11.92
C LEU A 66 13.38 -13.61 -11.46
N GLU A 67 13.21 -14.93 -11.51
CA GLU A 67 14.25 -15.85 -11.06
C GLU A 67 15.53 -15.74 -11.89
N GLU A 68 15.39 -15.67 -13.22
CA GLU A 68 16.56 -15.53 -14.08
C GLU A 68 17.03 -14.08 -14.21
N PHE A 69 16.24 -13.14 -13.69
CA PHE A 69 16.69 -11.79 -13.44
C PHE A 69 17.62 -11.78 -12.22
N TYR A 70 17.30 -12.59 -11.22
CA TYR A 70 18.18 -12.74 -10.04
C TYR A 70 19.29 -13.77 -10.22
N GLY A 71 19.11 -14.71 -11.15
CA GLY A 71 19.99 -15.87 -11.28
C GLY A 71 19.86 -16.87 -10.13
N LYS A 72 18.73 -16.83 -9.42
CA LYS A 72 18.49 -17.66 -8.23
C LYS A 72 17.06 -18.17 -8.21
N LYS A 73 16.84 -19.27 -7.51
CA LYS A 73 15.49 -19.75 -7.25
C LYS A 73 14.90 -18.97 -6.08
N VAL A 74 13.61 -18.68 -6.18
CA VAL A 74 12.89 -17.88 -5.19
C VAL A 74 11.77 -18.70 -4.56
N ILE A 75 11.53 -18.52 -3.26
CA ILE A 75 10.45 -19.23 -2.59
C ILE A 75 9.27 -18.32 -2.25
N ILE A 76 8.09 -18.70 -2.74
CA ILE A 76 6.83 -18.06 -2.36
C ILE A 76 6.30 -18.70 -1.08
N GLY A 77 5.89 -17.87 -0.13
CA GLY A 77 5.38 -18.33 1.17
C GLY A 77 3.86 -18.27 1.28
N GLU A 85 2.98 -17.77 11.95
CA GLU A 85 2.75 -18.89 11.03
C GLU A 85 4.07 -19.58 10.62
N ALA A 86 4.80 -18.94 9.70
CA ALA A 86 5.98 -19.53 9.06
C ALA A 86 7.32 -19.32 9.81
N ASP A 87 7.92 -20.44 10.21
CA ASP A 87 9.27 -20.47 10.76
C ASP A 87 10.28 -20.87 9.67
N GLN A 88 9.76 -21.10 8.46
CA GLN A 88 10.56 -21.54 7.32
C GLN A 88 11.54 -20.47 6.85
N ILE A 89 11.28 -19.22 7.23
CA ILE A 89 12.14 -18.11 6.88
C ILE A 89 13.21 -17.86 7.96
N LEU A 90 12.83 -18.06 9.21
CA LEU A 90 13.68 -17.67 10.33
C LEU A 90 14.61 -18.77 10.84
N GLU A 91 14.15 -20.02 10.74
CA GLU A 91 14.97 -21.17 11.14
C GLU A 91 16.26 -21.30 10.36
N PRO A 92 16.19 -21.19 9.01
CA PRO A 92 17.41 -21.08 8.21
C PRO A 92 18.26 -19.86 8.59
N ALA A 93 17.60 -18.72 8.79
CA ALA A 93 18.25 -17.43 9.12
C ALA A 93 19.09 -17.51 10.39
N LYS A 94 18.79 -18.49 11.23
CA LYS A 94 19.57 -18.77 12.42
C LYS A 94 21.01 -19.16 12.07
N THR A 95 21.23 -19.59 10.82
CA THR A 95 22.55 -20.05 10.36
C THR A 95 23.03 -19.46 9.01
N LYS A 96 22.09 -19.19 8.11
CA LYS A 96 22.42 -18.73 6.75
C LYS A 96 21.87 -17.34 6.46
N ASN A 97 22.49 -16.65 5.50
CA ASN A 97 21.95 -15.39 4.97
C ASN A 97 20.67 -15.63 4.19
N VAL A 98 19.57 -15.10 4.72
CA VAL A 98 18.24 -15.30 4.17
C VAL A 98 17.69 -13.93 3.78
N ALA A 99 17.00 -13.89 2.63
CA ALA A 99 16.39 -12.64 2.16
C ALA A 99 14.88 -12.78 2.12
N LEU A 100 14.19 -11.78 2.65
CA LEU A 100 12.74 -11.68 2.52
C LEU A 100 12.40 -10.46 1.69
N LEU A 101 11.66 -10.70 0.61
CA LEU A 101 11.32 -9.65 -0.34
C LEU A 101 9.87 -9.21 -0.17
N VAL A 102 9.66 -7.91 -0.02
CA VAL A 102 8.33 -7.36 0.24
C VAL A 102 8.04 -6.25 -0.76
N VAL A 103 6.76 -6.12 -1.15
CA VAL A 103 6.31 -5.05 -2.04
C VAL A 103 6.45 -3.70 -1.35
N GLY A 104 7.00 -2.73 -2.05
CA GLY A 104 7.15 -1.39 -1.51
C GLY A 104 8.36 -1.17 -0.62
N ASP A 105 8.10 -0.71 0.59
CA ASP A 105 9.14 -0.46 1.62
C ASP A 105 8.82 -1.29 2.86
N VAL A 106 9.86 -1.76 3.52
CA VAL A 106 9.72 -2.59 4.70
C VAL A 106 8.86 -1.92 5.77
N TYR A 107 9.24 -0.70 6.13
CA TYR A 107 8.55 0.08 7.14
C TYR A 107 7.35 0.76 6.53
N GLY A 108 7.51 1.25 5.29
CA GLY A 108 6.42 1.85 4.51
C GLY A 108 5.15 1.01 4.53
N ALA A 109 5.32 -0.31 4.44
CA ALA A 109 4.22 -1.27 4.52
C ALA A 109 3.70 -1.43 5.95
N THR A 110 4.63 -1.52 6.91
CA THR A 110 4.31 -1.63 8.35
C THR A 110 3.67 -2.96 8.77
N THR A 111 3.38 -3.82 7.78
CA THR A 111 2.84 -5.16 8.03
C THR A 111 3.91 -6.02 8.71
N HIS A 112 5.17 -5.70 8.41
CA HIS A 112 6.31 -6.54 8.74
C HIS A 112 6.89 -6.29 10.13
N SER A 113 6.07 -5.74 11.03
CA SER A 113 6.50 -5.46 12.41
C SER A 113 6.72 -6.72 13.26
N ASP A 114 5.93 -7.77 13.00
CA ASP A 114 6.01 -9.00 13.80
C ASP A 114 7.29 -9.80 13.51
N ILE A 115 7.82 -9.62 12.30
CA ILE A 115 9.06 -10.23 11.86
C ILE A 115 10.22 -9.75 12.73
N PHE A 116 10.33 -8.43 12.89
CA PHE A 116 11.38 -7.83 13.70
C PHE A 116 11.37 -8.42 15.11
N VAL A 117 10.19 -8.48 15.72
CA VAL A 117 10.02 -9.04 17.04
C VAL A 117 10.46 -10.52 17.09
N ARG A 118 9.97 -11.31 16.13
CA ARG A 118 10.33 -12.72 16.06
C ARG A 118 11.83 -12.93 15.93
N CYS A 119 12.48 -12.05 15.16
CA CYS A 119 13.94 -12.07 15.00
C CYS A 119 14.66 -11.75 16.29
N GLN A 120 14.19 -10.72 17.00
CA GLN A 120 14.71 -10.37 18.31
C GLN A 120 14.62 -11.56 19.26
N LYS A 121 13.46 -12.19 19.32
CA LYS A 121 13.23 -13.38 20.16
C LYS A 121 14.19 -14.52 19.87
N MET A 122 14.72 -14.58 18.65
CA MET A 122 15.55 -15.70 18.20
C MET A 122 17.01 -15.33 17.98
N GLY A 123 17.37 -14.08 18.23
CA GLY A 123 18.77 -13.65 18.18
C GLY A 123 19.29 -13.48 16.78
N ILE A 124 18.39 -13.16 15.84
CA ILE A 124 18.76 -12.98 14.44
C ILE A 124 18.95 -11.50 14.14
N GLU A 125 20.12 -11.18 13.60
CA GLU A 125 20.46 -9.85 13.12
C GLU A 125 19.61 -9.57 11.88
N VAL A 126 19.06 -8.37 11.79
CA VAL A 126 18.20 -7.98 10.67
C VAL A 126 18.81 -6.83 9.91
N LYS A 127 18.79 -6.90 8.58
CA LYS A 127 19.24 -5.79 7.76
C LYS A 127 18.13 -5.40 6.81
N VAL A 128 17.69 -4.15 6.95
CA VAL A 128 16.61 -3.58 6.14
C VAL A 128 17.20 -2.87 4.93
N ILE A 129 16.67 -3.16 3.74
CA ILE A 129 17.00 -2.40 2.55
C ILE A 129 15.74 -1.67 2.08
N HIS A 130 15.83 -0.34 2.02
CA HIS A 130 14.70 0.55 1.80
C HIS A 130 14.42 0.74 0.31
N ASN A 131 13.16 1.04 -0.01
CA ASN A 131 12.72 1.34 -1.37
C ASN A 131 11.48 2.26 -1.36
N ALA A 132 10.88 2.50 -2.53
CA ALA A 132 9.71 3.37 -2.63
C ALA A 132 8.53 2.78 -1.86
N SER A 133 7.64 3.66 -1.43
CA SER A 133 6.49 3.27 -0.63
C SER A 133 5.29 4.00 -1.19
N ILE A 134 4.12 3.38 -1.06
CA ILE A 134 2.87 4.01 -1.50
C ILE A 134 2.69 5.34 -0.77
N MET A 135 3.19 5.40 0.47
CA MET A 135 3.08 6.60 1.29
C MET A 135 3.79 7.84 0.74
N ASN A 136 4.95 7.68 0.11
CA ASN A 136 5.55 8.80 -0.59
C ASN A 136 5.03 8.94 -2.03
N ALA A 137 4.87 7.80 -2.70
CA ALA A 137 4.50 7.77 -4.12
C ALA A 137 3.22 8.52 -4.49
N ILE A 138 2.25 8.57 -3.57
CA ILE A 138 0.97 9.28 -3.75
C ILE A 138 1.17 10.79 -3.94
N GLY A 139 2.41 11.23 -3.76
CA GLY A 139 2.80 12.60 -4.09
C GLY A 139 2.54 12.96 -5.53
N CYS A 140 2.37 11.97 -6.39
CA CYS A 140 2.13 12.24 -7.81
C CYS A 140 0.76 12.85 -8.06
N SER A 141 -0.07 12.86 -7.02
CA SER A 141 -1.40 13.47 -7.09
C SER A 141 -1.33 14.99 -7.18
N GLY A 142 -0.26 15.57 -6.65
CA GLY A 142 -0.16 17.01 -6.54
C GLY A 142 -0.39 17.51 -5.13
N LEU A 143 -0.91 16.65 -4.26
CA LEU A 143 -1.06 17.00 -2.86
C LEU A 143 0.32 16.99 -2.16
N GLN A 144 0.53 17.97 -1.29
N GLN A 144 0.53 17.97 -1.28
CA GLN A 144 1.75 18.07 -0.50
CA GLN A 144 1.76 18.11 -0.51
C GLN A 144 1.77 17.02 0.60
C GLN A 144 1.81 17.08 0.63
N LEU A 145 2.81 16.20 0.58
CA LEU A 145 3.00 15.12 1.56
C LEU A 145 3.17 15.55 3.02
N TYR A 146 3.71 16.76 3.27
CA TYR A 146 3.82 17.26 4.64
C TYR A 146 2.46 17.54 5.21
N ARG A 147 1.49 17.80 4.35
CA ARG A 147 0.13 18.07 4.79
C ARG A 147 -0.72 16.82 5.10
N PHE A 148 -0.17 15.63 4.91
CA PHE A 148 -0.87 14.39 5.26
C PHE A 148 -0.89 14.14 6.77
N GLY A 149 -2.10 13.93 7.30
CA GLY A 149 -2.32 13.59 8.70
C GLY A 149 -2.11 12.09 8.84
N GLN A 150 -2.78 11.46 9.82
CA GLN A 150 -2.61 10.02 10.01
C GLN A 150 -3.28 9.17 8.93
N THR A 151 -2.64 8.05 8.61
CA THR A 151 -3.08 7.12 7.57
C THR A 151 -4.16 6.20 8.14
N VAL A 152 -5.19 5.92 7.33
CA VAL A 152 -6.31 5.08 7.79
C VAL A 152 -6.55 3.88 6.86
N SER A 153 -7.17 2.84 7.42
CA SER A 153 -7.43 1.59 6.68
C SER A 153 -8.91 1.26 6.66
N VAL A 154 -9.42 0.99 5.47
CA VAL A 154 -10.80 0.52 5.31
C VAL A 154 -10.79 -1.00 5.14
N CYS A 155 -11.63 -1.69 5.91
CA CYS A 155 -11.71 -3.15 5.91
C CYS A 155 -12.96 -3.65 5.18
N PHE A 156 -12.91 -4.89 4.71
CA PHE A 156 -14.09 -5.58 4.18
C PHE A 156 -15.10 -5.87 5.28
N TRP A 157 -16.34 -5.46 5.07
CA TRP A 157 -17.41 -5.75 6.02
C TRP A 157 -17.91 -7.18 5.85
N SER A 158 -18.32 -7.78 6.96
CA SER A 158 -18.64 -9.20 7.02
C SER A 158 -19.70 -9.46 8.09
N GLU A 159 -20.94 -9.67 7.64
CA GLU A 159 -22.09 -9.95 8.52
C GLU A 159 -22.35 -8.82 9.49
N HIS A 160 -22.02 -9.06 10.75
CA HIS A 160 -22.23 -8.09 11.83
C HIS A 160 -20.97 -7.27 12.08
N TRP A 161 -19.85 -7.75 11.56
CA TRP A 161 -18.60 -7.02 11.65
C TRP A 161 -18.59 -5.91 10.61
N ARG A 162 -18.94 -4.71 11.05
CA ARG A 162 -18.94 -3.54 10.17
C ARG A 162 -18.11 -2.41 10.78
N PRO A 163 -16.79 -2.60 10.96
CA PRO A 163 -16.02 -1.57 11.66
C PRO A 163 -15.88 -0.27 10.86
N SER A 164 -15.84 0.85 11.58
CA SER A 164 -15.65 2.17 10.97
C SER A 164 -14.75 3.08 11.83
N SER A 165 -13.76 2.47 12.47
CA SER A 165 -12.77 3.16 13.29
C SER A 165 -12.01 4.28 12.58
N TYR A 166 -11.80 4.11 11.29
CA TYR A 166 -11.11 5.11 10.49
C TYR A 166 -11.86 6.45 10.48
N TYR A 167 -13.18 6.40 10.68
CA TYR A 167 -14.05 7.55 10.47
C TYR A 167 -13.70 8.73 11.37
N PRO A 168 -13.65 8.52 12.72
CA PRO A 168 -13.27 9.61 13.60
C PRO A 168 -11.87 10.15 13.31
N LYS A 169 -10.95 9.29 12.89
CA LYS A 169 -9.59 9.72 12.51
C LYS A 169 -9.58 10.59 11.24
N ILE A 170 -10.47 10.32 10.29
CA ILE A 170 -10.62 11.19 9.12
C ILE A 170 -11.15 12.56 9.54
N LYS A 171 -12.08 12.56 10.49
CA LYS A 171 -12.65 13.78 11.07
C LYS A 171 -11.57 14.68 11.65
N ILE A 172 -10.66 14.08 12.43
CA ILE A 172 -9.52 14.81 13.02
C ILE A 172 -8.61 15.41 11.96
N ASN A 173 -8.30 14.65 10.91
CA ASN A 173 -7.47 15.14 9.84
C ASN A 173 -8.11 16.34 9.16
N ARG A 174 -9.42 16.25 8.93
CA ARG A 174 -10.11 17.29 8.22
C ARG A 174 -10.39 18.53 9.07
N ASP A 175 -10.89 18.35 10.29
CA ASP A 175 -11.03 19.45 11.27
C ASP A 175 -9.73 20.24 11.44
N ASN A 176 -8.60 19.56 11.32
CA ASN A 176 -7.29 20.20 11.51
C ASN A 176 -6.53 20.47 10.23
N ASN A 177 -7.27 20.40 9.11
CA ASN A 177 -6.80 20.86 7.80
C ASN A 177 -5.64 20.03 7.22
N MET A 178 -5.70 18.71 7.44
CA MET A 178 -4.71 17.76 6.92
C MET A 178 -5.33 16.81 5.91
N HIS A 179 -4.53 16.33 4.95
CA HIS A 179 -5.01 15.36 3.96
C HIS A 179 -5.02 13.96 4.57
N THR A 180 -5.80 13.06 3.98
CA THR A 180 -5.82 11.66 4.41
C THR A 180 -5.50 10.68 3.27
N LEU A 181 -4.63 9.72 3.58
CA LEU A 181 -4.42 8.55 2.75
C LEU A 181 -5.24 7.41 3.29
N VAL A 182 -6.09 6.86 2.44
CA VAL A 182 -6.97 5.76 2.79
C VAL A 182 -6.46 4.47 2.14
N LEU A 183 -5.89 3.58 2.94
CA LEU A 183 -5.43 2.29 2.45
C LEU A 183 -6.57 1.30 2.48
N LEU A 184 -6.64 0.43 1.48
CA LEU A 184 -7.78 -0.48 1.29
C LEU A 184 -7.40 -1.92 1.63
N ASP A 185 -8.40 -2.75 1.90
CA ASP A 185 -8.19 -4.08 2.44
C ASP A 185 -7.71 -5.07 1.39
N ILE A 186 -7.05 -6.13 1.87
CA ILE A 186 -6.58 -7.24 1.04
C ILE A 186 -6.84 -8.54 1.78
N LYS A 187 -7.82 -9.31 1.32
CA LYS A 187 -8.18 -10.57 1.96
C LYS A 187 -7.53 -11.79 1.28
N VAL A 188 -7.02 -12.72 2.09
CA VAL A 188 -6.70 -14.08 1.62
C VAL A 188 -7.25 -15.15 2.59
N LYS A 189 -8.13 -16.00 2.07
CA LYS A 189 -8.79 -17.13 2.77
C LYS A 189 -10.20 -17.41 2.19
N GLU A 190 -10.61 -18.68 2.20
CA GLU A 190 -12.00 -19.05 1.90
C GLU A 190 -12.46 -20.29 2.68
N GLU A 204 -11.14 -18.24 -2.91
CA GLU A 204 -9.83 -18.37 -2.26
C GLU A 204 -8.69 -17.46 -2.82
N PRO A 205 -8.75 -17.08 -4.13
CA PRO A 205 -7.73 -16.14 -4.64
C PRO A 205 -7.88 -14.75 -3.97
N PRO A 206 -6.75 -14.05 -3.74
CA PRO A 206 -6.75 -12.78 -2.99
C PRO A 206 -7.70 -11.72 -3.56
N ARG A 207 -8.52 -11.16 -2.67
CA ARG A 207 -9.52 -10.18 -3.05
C ARG A 207 -9.05 -8.80 -2.59
N TYR A 208 -8.87 -7.90 -3.55
CA TYR A 208 -8.44 -6.55 -3.27
C TYR A 208 -9.63 -5.62 -3.28
N MET A 209 -9.76 -4.82 -2.22
CA MET A 209 -10.83 -3.83 -2.17
C MET A 209 -10.58 -2.77 -3.23
N THR A 210 -11.67 -2.33 -3.84
CA THR A 210 -11.64 -1.27 -4.84
C THR A 210 -11.98 0.09 -4.24
N ILE A 211 -11.54 1.14 -4.92
CA ILE A 211 -11.99 2.49 -4.66
C ILE A 211 -13.52 2.58 -4.60
N ASN A 212 -14.19 1.86 -5.52
CA ASN A 212 -15.66 1.82 -5.61
C ASN A 212 -16.30 1.33 -4.30
N GLN A 213 -15.84 0.17 -3.84
CA GLN A 213 -16.31 -0.43 -2.58
C GLN A 213 -15.90 0.42 -1.37
N CYS A 214 -14.76 1.10 -1.49
CA CYS A 214 -14.30 2.00 -0.44
C CYS A 214 -15.23 3.19 -0.30
N ILE A 215 -15.50 3.87 -1.41
CA ILE A 215 -16.39 5.05 -1.40
C ILE A 215 -17.79 4.65 -0.96
N GLU A 216 -18.26 3.50 -1.41
CA GLU A 216 -19.58 3.01 -1.00
C GLU A 216 -19.66 2.96 0.51
N GLN A 217 -18.69 2.30 1.14
CA GLN A 217 -18.67 2.11 2.59
C GLN A 217 -18.58 3.45 3.34
N LEU A 218 -17.71 4.34 2.86
CA LEU A 218 -17.54 5.67 3.46
C LEU A 218 -18.84 6.48 3.44
N LEU A 219 -19.57 6.37 2.33
CA LEU A 219 -20.84 7.09 2.18
C LEU A 219 -21.89 6.54 3.14
N GLU A 220 -21.85 5.24 3.36
CA GLU A 220 -22.80 4.59 4.26
C GLU A 220 -22.52 4.91 5.74
N VAL A 221 -21.24 5.00 6.09
CA VAL A 221 -20.81 5.39 7.43
C VAL A 221 -21.19 6.85 7.72
N GLU A 222 -21.03 7.73 6.74
CA GLU A 222 -21.40 9.12 6.95
C GLU A 222 -22.92 9.23 7.14
N LYS A 223 -23.68 8.47 6.38
CA LYS A 223 -25.12 8.46 6.51
C LYS A 223 -25.53 8.00 7.92
N GLU A 224 -24.86 6.98 8.43
CA GLU A 224 -25.18 6.39 9.74
C GLU A 224 -24.67 7.22 10.91
N GLN A 225 -23.56 7.95 10.71
CA GLN A 225 -22.93 8.66 11.80
C GLN A 225 -23.12 10.19 11.71
N HIS A 226 -23.36 10.68 10.49
CA HIS A 226 -23.69 12.10 10.19
C HIS A 226 -22.93 13.18 10.95
N LEU A 227 -21.60 13.06 11.02
CA LEU A 227 -20.78 14.11 11.63
C LEU A 227 -20.36 15.18 10.62
N GLY A 228 -20.69 14.97 9.34
CA GLY A 228 -20.43 15.96 8.29
C GLY A 228 -18.98 16.03 7.87
N VAL A 229 -18.28 14.89 7.90
CA VAL A 229 -16.84 14.82 7.62
C VAL A 229 -16.55 14.97 6.11
N TYR A 230 -17.33 14.27 5.31
CA TYR A 230 -17.30 14.37 3.86
C TYR A 230 -18.72 14.08 3.38
N ASP A 231 -18.98 14.32 2.09
CA ASP A 231 -20.22 13.84 1.47
C ASP A 231 -20.09 13.49 -0.01
N GLU A 232 -21.15 12.89 -0.56
CA GLU A 232 -21.35 12.63 -2.00
C GLU A 232 -20.54 13.54 -2.95
N ASP A 233 -20.55 14.83 -2.65
CA ASP A 233 -19.97 15.86 -3.51
C ASP A 233 -18.53 16.24 -3.16
N THR A 234 -17.96 15.60 -2.14
CA THR A 234 -16.58 15.87 -1.71
C THR A 234 -15.62 15.41 -2.80
N MET A 235 -14.70 16.29 -3.21
CA MET A 235 -13.72 16.00 -4.25
C MET A 235 -12.57 15.18 -3.66
N VAL A 236 -12.35 13.99 -4.21
CA VAL A 236 -11.35 13.08 -3.70
C VAL A 236 -10.54 12.55 -4.86
N VAL A 237 -9.50 11.79 -4.53
CA VAL A 237 -8.53 11.35 -5.51
C VAL A 237 -8.50 9.84 -5.46
N GLY A 238 -8.98 9.20 -6.52
CA GLY A 238 -8.88 7.77 -6.67
C GLY A 238 -7.57 7.49 -7.35
N MET A 239 -6.82 6.52 -6.82
CA MET A 239 -5.54 6.18 -7.40
C MET A 239 -5.38 4.68 -7.55
N ALA A 240 -5.02 4.26 -8.75
CA ALA A 240 -4.81 2.86 -9.04
C ALA A 240 -3.42 2.65 -9.61
N ARG A 241 -2.75 1.60 -9.16
CA ARG A 241 -1.43 1.21 -9.65
C ARG A 241 -0.39 2.35 -9.56
N VAL A 242 -0.29 2.96 -8.38
CA VAL A 242 0.65 4.04 -8.15
C VAL A 242 2.08 3.60 -8.48
N ALA A 243 2.78 4.44 -9.22
CA ALA A 243 4.18 4.20 -9.59
C ALA A 243 4.36 3.07 -10.61
N CYS A 244 3.25 2.57 -11.16
CA CYS A 244 3.30 1.62 -12.28
C CYS A 244 3.13 2.35 -13.62
N ALA A 245 3.48 1.70 -14.71
CA ALA A 245 3.30 2.28 -16.04
C ALA A 245 1.83 2.62 -16.40
N ASP A 246 0.89 1.76 -16.00
CA ASP A 246 -0.53 2.02 -16.27
C ASP A 246 -1.24 2.63 -15.06
N GLN A 247 -0.49 3.41 -14.29
CA GLN A 247 -1.01 4.20 -13.19
C GLN A 247 -2.19 5.02 -13.66
N LYS A 248 -3.24 5.05 -12.84
CA LYS A 248 -4.42 5.82 -13.14
C LYS A 248 -4.76 6.69 -11.94
N ILE A 249 -4.96 7.99 -12.17
CA ILE A 249 -5.33 8.95 -11.13
C ILE A 249 -6.55 9.76 -11.57
N VAL A 250 -7.61 9.75 -10.78
CA VAL A 250 -8.81 10.54 -11.08
C VAL A 250 -9.17 11.38 -9.89
N TYR A 251 -9.39 12.68 -10.16
CA TYR A 251 -9.83 13.64 -9.14
C TYR A 251 -11.28 14.03 -9.43
N GLY A 252 -12.17 13.73 -8.50
CA GLY A 252 -13.58 14.01 -8.70
C GLY A 252 -14.43 13.73 -7.48
N LYS A 253 -15.74 13.93 -7.65
CA LYS A 253 -16.72 13.74 -6.58
C LYS A 253 -16.81 12.28 -6.18
N MET A 254 -17.14 12.03 -4.91
CA MET A 254 -17.36 10.69 -4.41
C MET A 254 -18.41 9.93 -5.20
N LYS A 255 -19.51 10.62 -5.55
CA LYS A 255 -20.58 9.99 -6.34
C LYS A 255 -20.16 9.64 -7.76
N ASP A 256 -19.19 10.38 -8.28
CA ASP A 256 -18.70 10.14 -9.63
C ASP A 256 -17.65 9.03 -9.65
N LEU A 257 -16.82 9.01 -8.62
CA LEU A 257 -15.76 8.00 -8.52
C LEU A 257 -16.28 6.64 -8.07
N LEU A 258 -17.37 6.66 -7.29
CA LEU A 258 -18.12 5.44 -6.94
C LEU A 258 -18.39 4.46 -8.11
N HIS A 259 -18.58 4.98 -9.32
CA HIS A 259 -18.95 4.13 -10.47
C HIS A 259 -17.89 4.14 -11.53
N TYR A 260 -16.81 4.85 -11.27
CA TYR A 260 -15.70 4.88 -12.20
C TYR A 260 -14.94 3.54 -12.17
N ASP A 261 -14.57 3.05 -13.36
CA ASP A 261 -13.79 1.82 -13.49
C ASP A 261 -12.29 2.13 -13.42
N PHE A 262 -11.65 1.69 -12.35
CA PHE A 262 -10.24 1.97 -12.09
C PHE A 262 -9.29 0.87 -12.54
N GLY A 263 -9.84 -0.27 -12.97
CA GLY A 263 -9.01 -1.38 -13.42
C GLY A 263 -8.50 -2.28 -12.30
N ALA A 264 -7.36 -2.92 -12.54
CA ALA A 264 -6.77 -3.87 -11.61
C ALA A 264 -6.16 -3.20 -10.35
N PRO A 265 -6.12 -3.92 -9.21
CA PRO A 265 -5.50 -3.38 -8.00
C PRO A 265 -4.00 -3.14 -8.25
N MET A 266 -3.29 -2.46 -7.34
CA MET A 266 -3.76 -2.00 -6.04
C MET A 266 -4.43 -0.62 -6.15
N HIS A 267 -5.46 -0.39 -5.33
CA HIS A 267 -6.11 0.92 -5.26
C HIS A 267 -5.94 1.57 -3.89
N CYS A 268 -5.98 2.91 -3.88
CA CYS A 268 -6.14 3.68 -2.66
C CYS A 268 -6.80 5.03 -2.94
N LEU A 269 -7.22 5.69 -1.87
CA LEU A 269 -7.99 6.92 -1.95
C LEU A 269 -7.31 8.04 -1.16
N LEU A 270 -7.34 9.25 -1.71
CA LEU A 270 -6.88 10.42 -0.98
C LEU A 270 -8.03 11.36 -0.72
N ILE A 271 -8.21 11.69 0.56
CA ILE A 271 -9.21 12.66 0.94
C ILE A 271 -8.50 13.94 1.36
N PRO A 272 -8.48 14.94 0.47
CA PRO A 272 -7.82 16.22 0.71
C PRO A 272 -8.38 16.90 1.95
N ALA A 273 -7.58 17.75 2.60
CA ALA A 273 -8.08 18.68 3.63
C ALA A 273 -9.17 19.61 3.06
N PRO A 274 -10.04 20.19 3.92
CA PRO A 274 -11.00 21.17 3.43
C PRO A 274 -10.41 22.37 2.66
N GLN A 275 -9.16 22.75 2.94
CA GLN A 275 -8.52 23.71 2.05
C GLN A 275 -7.28 23.19 1.35
N VAL A 276 -7.31 23.35 0.03
CA VAL A 276 -6.28 22.85 -0.83
C VAL A 276 -5.59 24.08 -1.38
N ASP A 277 -4.26 24.09 -1.30
CA ASP A 277 -3.48 25.18 -1.83
C ASP A 277 -3.68 25.28 -3.35
N ASP A 278 -3.64 26.50 -3.89
CA ASP A 278 -3.67 26.73 -5.34
C ASP A 278 -2.66 25.87 -6.10
N PRO A 279 -1.39 25.82 -5.62
CA PRO A 279 -0.48 24.97 -6.40
C PRO A 279 -0.89 23.49 -6.41
N GLU A 280 -1.50 23.01 -5.34
CA GLU A 280 -1.99 21.63 -5.26
C GLU A 280 -3.17 21.42 -6.21
N LEU A 281 -4.13 22.36 -6.18
CA LEU A 281 -5.27 22.34 -7.08
C LEU A 281 -4.82 22.34 -8.56
N ASP A 282 -3.80 23.13 -8.88
CA ASP A 282 -3.29 23.18 -10.24
C ASP A 282 -2.82 21.80 -10.72
N GLN A 283 -2.26 20.99 -9.82
CA GLN A 283 -1.81 19.66 -10.22
C GLN A 283 -2.96 18.67 -10.32
N LEU A 284 -3.89 18.75 -9.37
CA LEU A 284 -5.04 17.86 -9.34
C LEU A 284 -5.90 17.96 -10.59
N GLU A 285 -5.95 19.18 -11.14
CA GLU A 285 -6.83 19.51 -12.27
C GLU A 285 -6.50 18.64 -13.49
N TYR A 286 -5.22 18.28 -13.64
CA TYR A 286 -4.79 17.34 -14.68
C TYR A 286 -5.50 15.98 -14.64
N PHE A 287 -6.12 15.65 -13.50
CA PHE A 287 -6.76 14.35 -13.32
C PHE A 287 -8.25 14.49 -13.13
N LYS A 288 -8.77 15.68 -13.37
CA LYS A 288 -10.19 15.98 -13.20
C LYS A 288 -11.08 15.01 -13.98
N TYR A 289 -12.16 14.56 -13.33
CA TYR A 289 -13.10 13.60 -13.91
C TYR A 289 -14.00 14.14 -15.04
N LYS A 290 -14.17 13.33 -16.09
CA LYS A 290 -15.13 13.56 -17.20
C LYS A 290 -15.54 12.20 -17.83
N PRO A 291 -16.73 12.11 -18.48
CA PRO A 291 -17.80 13.11 -18.64
C PRO A 291 -18.96 12.89 -17.67
#